data_2HIN
#
_entry.id   2HIN
#
_cell.length_a   25.579
_cell.length_b   49.512
_cell.length_c   43.768
_cell.angle_alpha   90.000
_cell.angle_beta   91.750
_cell.angle_gamma   90.000
#
_symmetry.space_group_name_H-M   'P 1 21 1'
#
loop_
_entity.id
_entity.type
_entity.pdbx_description
1 polymer 'Repressor protein'
2 non-polymer 'SULFATE ION'
3 water water
#
_entity_poly.entity_id   1
_entity_poly.type   'polypeptide(L)'
_entity_poly.pdbx_seq_one_letter_code
;MKPEELVRHFGDVEKAAVGVGVTPGAVYQWLQAGEIPPLRQSDIEVRTAYKLKSDFTSQRMGKEGHNSGTK
;
_entity_poly.pdbx_strand_id   A,B
#
loop_
_chem_comp.id
_chem_comp.type
_chem_comp.name
_chem_comp.formula
SO4 non-polymer 'SULFATE ION' 'O4 S -2'
#
# COMPACT_ATOMS: atom_id res chain seq x y z
N MET A 1 -3.67 5.87 -8.33
CA MET A 1 -4.16 5.46 -9.67
C MET A 1 -5.67 5.48 -9.68
N LYS A 2 -6.26 5.75 -10.82
N LYS A 2 -6.22 5.72 -10.87
CA LYS A 2 -7.70 5.73 -10.93
CA LYS A 2 -7.65 5.69 -11.15
C LYS A 2 -8.18 4.32 -11.22
C LYS A 2 -8.15 4.25 -11.17
N PRO A 3 -9.44 4.02 -10.85
CA PRO A 3 -9.98 2.69 -11.04
C PRO A 3 -9.88 2.21 -12.49
N GLU A 4 -10.01 3.09 -13.47
N GLU A 4 -10.09 3.10 -13.44
CA GLU A 4 -9.92 2.66 -14.87
CA GLU A 4 -9.99 2.75 -14.86
C GLU A 4 -8.48 2.26 -15.25
C GLU A 4 -8.60 2.23 -15.20
N GLU A 5 -7.49 2.82 -14.57
N GLU A 5 -7.58 2.82 -14.59
CA GLU A 5 -6.09 2.39 -14.75
CA GLU A 5 -6.19 2.44 -14.84
C GLU A 5 -5.92 0.98 -14.34
C GLU A 5 -5.85 1.04 -14.30
N LEU A 6 -6.48 0.69 -13.18
CA LEU A 6 -6.39 -0.62 -12.63
C LEU A 6 -7.00 -1.59 -13.65
N VAL A 7 -8.19 -1.25 -14.19
CA VAL A 7 -8.85 -2.10 -15.19
C VAL A 7 -8.02 -2.24 -16.50
N ARG A 8 -7.44 -1.14 -16.98
CA ARG A 8 -6.57 -1.18 -18.17
C ARG A 8 -5.37 -2.09 -17.95
N HIS A 9 -4.78 -2.04 -16.77
CA HIS A 9 -3.59 -2.83 -16.47
C HIS A 9 -3.88 -4.33 -16.57
N PHE A 10 -4.97 -4.77 -15.97
CA PHE A 10 -5.28 -6.20 -15.90
C PHE A 10 -6.12 -6.68 -17.08
N GLY A 11 -6.84 -5.77 -17.71
CA GLY A 11 -7.62 -6.05 -18.93
C GLY A 11 -9.13 -5.93 -18.73
N ASP A 12 -9.64 -6.43 -17.62
CA ASP A 12 -11.07 -6.29 -17.28
C ASP A 12 -11.25 -6.33 -15.78
N VAL A 13 -12.48 -6.12 -15.34
CA VAL A 13 -12.74 -6.05 -13.89
C VAL A 13 -12.44 -7.35 -13.20
N GLU A 14 -12.84 -8.48 -13.79
N GLU A 14 -12.85 -8.49 -13.76
CA GLU A 14 -12.64 -9.77 -13.17
CA GLU A 14 -12.63 -9.76 -13.11
C GLU A 14 -11.15 -10.03 -12.93
C GLU A 14 -11.13 -10.01 -12.92
N LYS A 15 -10.34 -9.75 -13.95
CA LYS A 15 -8.90 -9.96 -13.85
C LYS A 15 -8.27 -8.97 -12.84
N ALA A 16 -8.78 -7.74 -12.79
CA ALA A 16 -8.30 -6.77 -11.81
C ALA A 16 -8.63 -7.24 -10.38
N ALA A 17 -9.85 -7.74 -10.18
CA ALA A 17 -10.26 -8.20 -8.85
C ALA A 17 -9.36 -9.32 -8.37
N VAL A 18 -9.08 -10.27 -9.25
CA VAL A 18 -8.17 -11.37 -8.88
C VAL A 18 -6.78 -10.80 -8.60
N GLY A 19 -6.31 -9.88 -9.44
N GLY A 19 -6.35 -9.91 -9.51
CA GLY A 19 -4.96 -9.32 -9.26
CA GLY A 19 -5.02 -9.36 -9.52
C GLY A 19 -4.75 -8.58 -7.97
C GLY A 19 -4.67 -8.61 -8.25
N VAL A 20 -5.78 -7.90 -7.51
N VAL A 20 -5.67 -8.07 -7.56
CA VAL A 20 -5.67 -7.08 -6.31
CA VAL A 20 -5.39 -7.33 -6.32
C VAL A 20 -6.35 -7.72 -5.09
C VAL A 20 -6.17 -7.82 -5.08
N GLY A 21 -6.86 -8.95 -5.21
CA GLY A 21 -7.42 -9.64 -4.05
C GLY A 21 -8.72 -9.09 -3.52
N VAL A 22 -9.62 -8.62 -4.39
CA VAL A 22 -10.94 -8.11 -3.97
C VAL A 22 -12.01 -8.75 -4.82
N THR A 23 -13.26 -8.45 -4.50
CA THR A 23 -14.37 -8.94 -5.32
C THR A 23 -14.52 -8.06 -6.57
N PRO A 24 -15.09 -8.64 -7.63
CA PRO A 24 -15.44 -7.80 -8.78
C PRO A 24 -16.37 -6.66 -8.39
N GLY A 25 -17.34 -6.93 -7.52
CA GLY A 25 -18.26 -5.89 -7.09
C GLY A 25 -17.56 -4.72 -6.46
N ALA A 26 -16.49 -4.97 -5.68
CA ALA A 26 -15.72 -3.88 -5.09
C ALA A 26 -15.09 -3.02 -6.17
N VAL A 27 -14.53 -3.64 -7.20
CA VAL A 27 -13.91 -2.86 -8.28
C VAL A 27 -14.95 -1.97 -8.97
N TYR A 28 -16.16 -2.51 -9.23
CA TYR A 28 -17.22 -1.68 -9.80
C TYR A 28 -17.58 -0.53 -8.85
N GLN A 29 -17.57 -0.75 -7.54
N GLN A 29 -17.60 -0.77 -7.54
CA GLN A 29 -17.86 0.36 -6.65
CA GLN A 29 -17.83 0.34 -6.63
C GLN A 29 -16.74 1.40 -6.63
C GLN A 29 -16.77 1.41 -6.76
N TRP A 30 -15.49 1.01 -6.86
CA TRP A 30 -14.42 2.00 -7.04
C TRP A 30 -14.64 2.81 -8.31
N LEU A 31 -15.01 2.14 -9.40
CA LEU A 31 -15.32 2.84 -10.65
C LEU A 31 -16.43 3.84 -10.43
N GLN A 32 -17.50 3.39 -9.78
CA GLN A 32 -18.65 4.27 -9.54
C GLN A 32 -18.29 5.45 -8.64
N ALA A 33 -17.42 5.21 -7.69
CA ALA A 33 -16.99 6.25 -6.75
C ALA A 33 -15.97 7.18 -7.33
N GLY A 34 -15.43 6.87 -8.50
N GLY A 34 -15.41 6.82 -8.47
CA GLY A 34 -14.36 7.66 -9.08
CA GLY A 34 -14.34 7.56 -9.10
C GLY A 34 -13.10 7.62 -8.24
C GLY A 34 -13.01 7.46 -8.37
N GLU A 35 -12.89 6.58 -7.45
N GLU A 35 -12.94 6.61 -7.33
CA GLU A 35 -11.67 6.50 -6.70
CA GLU A 35 -11.86 6.61 -6.34
C GLU A 35 -11.59 5.22 -5.91
C GLU A 35 -11.62 5.18 -5.87
N ILE A 36 -10.35 4.77 -5.81
CA ILE A 36 -9.94 3.60 -5.04
C ILE A 36 -9.52 4.11 -3.67
N PRO A 37 -9.96 3.47 -2.58
CA PRO A 37 -9.53 3.88 -1.24
C PRO A 37 -8.01 3.92 -1.10
N PRO A 38 -7.47 4.90 -0.37
CA PRO A 38 -6.01 5.03 -0.26
C PRO A 38 -5.23 3.79 0.21
N LEU A 39 -5.70 3.19 1.30
N LEU A 39 -5.75 2.96 1.14
CA LEU A 39 -5.05 2.05 1.85
CA LEU A 39 -5.05 1.70 1.51
C LEU A 39 -4.95 1.02 0.74
C LEU A 39 -4.98 0.70 0.34
N ARG A 40 -6.05 0.86 0.03
N ARG A 40 -6.06 0.59 -0.41
CA ARG A 40 -6.12 -0.08 -1.07
CA ARG A 40 -6.08 -0.29 -1.57
C ARG A 40 -5.18 0.31 -2.22
C ARG A 40 -5.14 0.22 -2.65
N GLN A 41 -5.08 1.60 -2.56
N GLN A 41 -5.05 1.55 -2.81
CA GLN A 41 -4.17 2.00 -3.65
CA GLN A 41 -4.08 2.12 -3.73
C GLN A 41 -2.74 1.58 -3.34
C GLN A 41 -2.67 1.69 -3.37
N SER A 42 -2.32 1.72 -2.09
CA SER A 42 -0.98 1.27 -1.71
C SER A 42 -0.76 -0.18 -2.01
N ASP A 43 -1.76 -0.99 -1.70
CA ASP A 43 -1.66 -2.42 -1.94
C ASP A 43 -1.56 -2.72 -3.46
N ILE A 44 -2.31 -1.99 -4.28
CA ILE A 44 -2.26 -2.17 -5.72
C ILE A 44 -0.87 -1.78 -6.25
N GLU A 45 -0.31 -0.69 -5.74
CA GLU A 45 1.03 -0.28 -6.13
C GLU A 45 2.05 -1.37 -5.82
N VAL A 46 1.98 -1.94 -4.63
CA VAL A 46 2.90 -3.00 -4.24
C VAL A 46 2.64 -4.25 -5.08
N ARG A 47 1.39 -4.65 -5.24
CA ARG A 47 1.09 -5.92 -5.86
C ARG A 47 1.19 -5.91 -7.38
N THR A 48 1.41 -4.75 -7.97
CA THR A 48 1.78 -4.60 -9.38
C THR A 48 3.27 -4.31 -9.53
N ALA A 49 4.05 -4.55 -8.48
CA ALA A 49 5.51 -4.35 -8.52
C ALA A 49 5.83 -2.91 -8.97
N TYR A 50 5.01 -2.00 -8.48
CA TYR A 50 5.16 -0.56 -8.64
C TYR A 50 4.77 -0.07 -10.03
N LYS A 51 4.18 -0.93 -10.85
N LYS A 51 4.19 -0.93 -10.84
CA LYS A 51 3.77 -0.48 -12.20
CA LYS A 51 3.78 -0.49 -12.17
C LYS A 51 2.62 0.50 -12.19
C LYS A 51 2.72 0.60 -12.05
N LEU A 52 1.70 0.34 -11.24
CA LEU A 52 0.64 1.33 -10.98
C LEU A 52 1.03 2.09 -9.72
N LYS A 53 0.86 3.40 -9.73
N LYS A 53 0.85 3.40 -9.76
CA LYS A 53 1.26 4.20 -8.59
CA LYS A 53 1.21 4.30 -8.67
C LYS A 53 0.06 4.82 -7.90
C LYS A 53 0.00 4.77 -7.91
N SER A 54 0.05 4.71 -6.59
CA SER A 54 -0.94 5.37 -5.77
C SER A 54 -0.88 6.87 -6.02
N ASP A 55 -1.96 7.54 -5.70
CA ASP A 55 -1.99 8.99 -5.77
C ASP A 55 -0.91 9.57 -4.83
N PHE A 56 -0.69 8.94 -3.68
CA PHE A 56 0.36 9.36 -2.75
C PHE A 56 1.72 9.43 -3.45
N THR A 57 2.08 8.34 -4.12
CA THR A 57 3.37 8.26 -4.78
C THR A 57 3.44 9.19 -5.98
N SER A 58 2.42 9.16 -6.83
N SER A 58 2.33 9.24 -6.74
CA SER A 58 2.53 9.94 -8.06
CA SER A 58 2.24 10.06 -7.95
C SER A 58 2.64 11.43 -7.75
C SER A 58 2.38 11.55 -7.63
N GLN A 59 1.86 11.89 -6.75
N GLN A 59 1.77 12.02 -6.54
CA GLN A 59 1.84 13.30 -6.33
CA GLN A 59 1.87 13.44 -6.21
C GLN A 59 3.24 13.80 -5.97
C GLN A 59 3.33 13.81 -5.97
N ARG A 60 4.04 12.91 -5.37
N ARG A 60 3.95 13.07 -5.07
CA ARG A 60 5.40 13.22 -4.93
CA ARG A 60 5.26 13.42 -4.54
C ARG A 60 6.41 13.02 -6.05
C ARG A 60 6.38 13.19 -5.51
N MET A 61 6.08 12.14 -6.98
N MET A 61 6.36 12.07 -6.22
CA MET A 61 6.98 11.72 -8.03
CA MET A 61 7.53 11.67 -6.94
C MET A 61 6.51 12.44 -9.28
C MET A 61 7.53 12.21 -8.38
N GLY A 62 5.89 13.58 -9.08
N GLY A 62 6.55 13.06 -8.69
CA GLY A 62 5.65 14.50 -10.16
CA GLY A 62 6.50 13.84 -9.97
C GLY A 62 6.61 15.65 -10.06
C GLY A 62 7.05 15.26 -9.89
N LYS A 63 7.48 15.80 -11.04
CA LYS A 63 8.28 17.02 -11.10
C LYS A 63 7.40 18.27 -10.98
N GLU A 64 6.12 18.12 -11.30
CA GLU A 64 5.14 19.18 -11.15
C GLU A 64 3.91 18.57 -10.49
N GLY A 65 2.75 18.83 -11.08
CA GLY A 65 1.52 18.20 -10.65
C GLY A 65 1.28 16.88 -11.36
N HIS A 66 2.28 16.00 -11.33
CA HIS A 66 2.06 14.61 -11.69
C HIS A 66 2.17 14.38 -13.19
N MET B 1 7.42 -6.83 5.98
CA MET B 1 8.29 -6.45 7.12
C MET B 1 7.64 -6.85 8.42
N LYS B 2 8.48 -7.20 9.38
CA LYS B 2 8.05 -7.51 10.74
C LYS B 2 7.85 -6.23 11.52
N PRO B 3 7.03 -6.29 12.59
CA PRO B 3 6.85 -5.10 13.40
C PRO B 3 8.11 -4.55 14.00
N GLU B 4 9.05 -5.41 14.37
CA GLU B 4 10.31 -4.93 14.92
C GLU B 4 11.11 -4.13 13.90
N GLU B 5 10.99 -4.47 12.62
CA GLU B 5 11.69 -3.76 11.56
C GLU B 5 11.11 -2.36 11.39
N LEU B 6 9.79 -2.26 11.49
CA LEU B 6 9.14 -0.98 11.47
C LEU B 6 9.64 -0.10 12.60
N VAL B 7 9.71 -0.66 13.80
CA VAL B 7 10.15 0.12 14.96
C VAL B 7 11.62 0.53 14.80
N ARG B 8 12.48 -0.39 14.37
CA ARG B 8 13.90 -0.06 14.16
C ARG B 8 14.07 1.09 13.16
N HIS B 9 13.18 1.18 12.16
N HIS B 9 13.30 1.06 12.09
CA HIS B 9 13.22 2.22 11.09
CA HIS B 9 13.53 2.02 11.07
C HIS B 9 12.89 3.64 11.58
C HIS B 9 13.40 3.43 11.69
N PHE B 10 11.82 3.77 12.37
N PHE B 10 12.44 3.58 12.61
CA PHE B 10 11.43 5.08 12.84
CA PHE B 10 12.17 4.87 13.23
C PHE B 10 12.06 5.45 14.18
C PHE B 10 12.82 5.07 14.60
N GLY B 11 12.64 4.47 14.86
N GLY B 11 13.21 3.99 15.25
CA GLY B 11 13.42 4.71 16.06
CA GLY B 11 13.80 4.11 16.58
C GLY B 11 12.78 4.22 17.32
C GLY B 11 12.80 4.15 17.74
N ASP B 12 11.63 4.78 17.62
N ASP B 12 11.48 4.23 17.46
CA ASP B 12 10.87 4.29 18.73
CA ASP B 12 10.39 3.90 18.45
C ASP B 12 9.49 4.01 18.23
C ASP B 12 8.92 3.87 17.93
N VAL B 13 8.74 3.32 19.07
N VAL B 13 7.99 3.35 18.76
CA VAL B 13 7.44 2.84 18.67
CA VAL B 13 6.60 3.12 18.34
C VAL B 13 6.53 4.01 18.30
C VAL B 13 5.86 4.42 18.05
N GLU B 14 6.53 5.07 19.09
N GLU B 14 6.02 5.39 18.95
CA GLU B 14 5.60 6.18 18.83
CA GLU B 14 5.40 6.69 18.77
C GLU B 14 5.91 6.97 17.52
C GLU B 14 5.89 7.25 17.45
N LYS B 15 7.18 7.16 17.19
CA LYS B 15 7.63 7.75 15.92
C LYS B 15 7.20 6.89 14.73
N ALA B 16 7.21 5.57 14.89
CA ALA B 16 6.74 4.68 13.83
C ALA B 16 5.27 4.92 13.55
N ALA B 17 4.48 5.07 14.62
CA ALA B 17 3.05 5.27 14.50
C ALA B 17 2.77 6.55 13.71
N VAL B 18 3.41 7.64 14.11
CA VAL B 18 3.31 8.90 13.38
C VAL B 18 3.79 8.71 11.93
N GLY B 19 4.90 8.03 11.76
CA GLY B 19 5.49 7.83 10.45
C GLY B 19 4.58 7.16 9.45
N VAL B 20 3.72 6.26 9.90
CA VAL B 20 2.90 5.49 8.95
C VAL B 20 1.40 5.76 9.14
N GLY B 21 1.05 6.74 9.97
CA GLY B 21 -0.32 7.18 10.10
C GLY B 21 -1.27 6.27 10.85
N VAL B 22 -0.75 5.58 11.88
CA VAL B 22 -1.59 4.76 12.74
C VAL B 22 -1.38 5.17 14.18
N THR B 23 -2.20 4.61 15.06
CA THR B 23 -2.01 4.86 16.48
C THR B 23 -0.86 4.03 17.04
N PRO B 24 -0.21 4.52 18.11
CA PRO B 24 0.78 3.66 18.74
C PRO B 24 0.20 2.33 19.21
N GLY B 25 -1.05 2.31 19.66
CA GLY B 25 -1.68 1.09 20.09
C GLY B 25 -1.70 0.05 18.99
N ALA B 26 -1.92 0.47 17.74
CA ALA B 26 -1.86 -0.47 16.62
C ALA B 26 -0.50 -1.12 16.49
N VAL B 27 0.55 -0.32 16.58
CA VAL B 27 1.90 -0.83 16.44
C VAL B 27 2.22 -1.84 17.56
N TYR B 28 1.83 -1.52 18.80
CA TYR B 28 2.02 -2.46 19.90
C TYR B 28 1.24 -3.75 19.68
N GLN B 29 0.03 -3.65 19.14
N GLN B 29 0.04 -3.65 19.12
CA GLN B 29 -0.75 -4.85 18.81
CA GLN B 29 -0.74 -4.85 18.83
C GLN B 29 0.02 -5.70 17.79
C GLN B 29 -0.04 -5.70 17.77
N TRP B 30 0.57 -5.07 16.76
CA TRP B 30 1.32 -5.82 15.76
C TRP B 30 2.53 -6.51 16.38
N LEU B 31 3.25 -5.79 17.24
CA LEU B 31 4.40 -6.41 17.93
C LEU B 31 4.00 -7.66 18.69
N GLN B 32 2.91 -7.59 19.42
CA GLN B 32 2.49 -8.73 20.21
C GLN B 32 1.91 -9.86 19.37
N ALA B 33 1.33 -9.51 18.23
CA ALA B 33 0.81 -10.50 17.30
C ALA B 33 1.92 -11.17 16.51
N GLY B 34 3.08 -10.53 16.43
CA GLY B 34 4.17 -11.02 15.62
C GLY B 34 3.97 -10.78 14.13
N GLU B 35 3.08 -9.86 13.77
N GLU B 35 3.04 -9.88 13.76
CA GLU B 35 2.89 -9.57 12.36
CA GLU B 35 2.65 -9.69 12.36
C GLU B 35 2.11 -8.30 12.22
C GLU B 35 1.94 -8.37 12.16
N ILE B 36 2.32 -7.67 11.07
CA ILE B 36 1.58 -6.52 10.60
C ILE B 36 0.60 -7.04 9.53
N PRO B 37 -0.68 -6.62 9.56
CA PRO B 37 -1.65 -7.07 8.53
C PRO B 37 -1.16 -6.73 7.12
N PRO B 38 -1.47 -7.59 6.15
CA PRO B 38 -0.92 -7.38 4.79
C PRO B 38 -1.22 -6.02 4.13
N LEU B 39 -2.47 -5.54 4.16
N LEU B 39 -2.42 -5.49 4.31
CA LEU B 39 -2.75 -4.27 3.46
CA LEU B 39 -2.81 -4.20 3.75
C LEU B 39 -1.94 -3.19 4.13
C LEU B 39 -1.99 -3.08 4.40
N ARG B 40 -1.86 -3.29 5.45
N ARG B 40 -1.73 -3.19 5.69
CA ARG B 40 -1.13 -2.31 6.20
CA ARG B 40 -0.92 -2.21 6.38
C ARG B 40 0.33 -2.34 5.79
C ARG B 40 0.54 -2.33 5.96
N GLN B 41 0.93 -3.52 5.66
N GLN B 41 1.01 -3.54 5.66
CA GLN B 41 2.32 -3.57 5.22
CA GLN B 41 2.38 -3.68 5.16
C GLN B 41 2.51 -2.80 3.92
C GLN B 41 2.58 -2.92 3.86
N SER B 42 1.61 -3.02 2.96
CA SER B 42 1.71 -2.30 1.69
C SER B 42 1.68 -0.80 1.88
N ASP B 43 0.82 -0.33 2.78
CA ASP B 43 0.73 1.10 3.01
C ASP B 43 2.01 1.60 3.65
N ILE B 44 2.61 0.86 4.56
CA ILE B 44 3.91 1.24 5.13
C ILE B 44 4.98 1.32 4.06
N GLU B 45 5.01 0.32 3.18
CA GLU B 45 5.97 0.30 2.08
C GLU B 45 5.83 1.56 1.22
N VAL B 46 4.60 1.92 0.86
CA VAL B 46 4.41 3.07 0.01
C VAL B 46 4.72 4.36 0.78
N ARG B 47 4.24 4.49 2.03
CA ARG B 47 4.42 5.73 2.76
C ARG B 47 5.87 6.00 3.14
N THR B 48 6.70 4.97 3.21
CA THR B 48 8.13 5.11 3.44
C THR B 48 8.92 5.16 2.12
N ALA B 49 8.22 5.32 0.98
CA ALA B 49 8.89 5.39 -0.32
C ALA B 49 9.81 4.17 -0.53
N TYR B 50 9.29 3.04 -0.11
CA TYR B 50 9.86 1.71 -0.34
C TYR B 50 11.05 1.40 0.56
N LYS B 51 11.32 2.24 1.57
CA LYS B 51 12.42 1.94 2.50
C LYS B 51 12.16 0.69 3.32
N LEU B 52 10.90 0.43 3.65
CA LEU B 52 10.48 -0.81 4.29
C LEU B 52 9.70 -1.62 3.26
N LYS B 53 9.93 -2.92 3.21
CA LYS B 53 9.28 -3.78 2.23
C LYS B 53 8.30 -4.73 2.88
N SER B 54 7.12 -4.83 2.28
CA SER B 54 6.16 -5.84 2.65
C SER B 54 6.73 -7.23 2.42
N ASP B 55 6.13 -8.21 3.08
CA ASP B 55 6.48 -9.60 2.84
C ASP B 55 6.30 -9.95 1.35
N PHE B 56 5.24 -9.46 0.73
CA PHE B 56 4.99 -9.64 -0.71
C PHE B 56 6.21 -9.19 -1.52
N THR B 57 6.65 -7.97 -1.29
CA THR B 57 7.78 -7.44 -2.06
C THR B 57 9.05 -8.19 -1.78
N SER B 58 9.27 -8.54 -0.53
CA SER B 58 10.49 -9.25 -0.16
C SER B 58 10.56 -10.59 -0.88
N GLN B 59 9.43 -11.29 -0.96
N GLN B 59 9.43 -11.27 -1.01
CA GLN B 59 9.39 -12.56 -1.72
CA GLN B 59 9.38 -12.56 -1.72
C GLN B 59 9.70 -12.30 -3.19
C GLN B 59 9.59 -12.38 -3.23
N ARG B 60 8.99 -11.35 -3.81
CA ARG B 60 9.21 -11.03 -5.21
C ARG B 60 10.67 -10.74 -5.48
N MET B 61 11.29 -9.98 -4.60
CA MET B 61 12.66 -9.53 -4.75
C MET B 61 13.72 -10.54 -4.31
N GLY B 62 13.32 -11.68 -3.78
CA GLY B 62 14.26 -12.69 -3.33
C GLY B 62 15.09 -12.26 -2.13
N LYS B 63 14.51 -11.44 -1.26
CA LYS B 63 15.23 -10.77 -0.14
C LYS B 63 14.43 -10.86 1.14
N GLU B 64 14.16 -12.08 1.53
CA GLU B 64 13.31 -12.33 2.68
C GLU B 64 14.09 -12.36 3.99
S SO4 C . -11.69 -1.30 0.84
O1 SO4 C . -11.54 -2.25 1.95
O2 SO4 C . -10.50 -0.46 0.77
O3 SO4 C . -11.86 -2.04 -0.40
O4 SO4 C . -12.87 -0.47 1.07
S SO4 D . 0.12 13.06 3.32
O1 SO4 D . 1.14 12.49 4.20
O2 SO4 D . -0.19 14.41 3.79
O3 SO4 D . 0.66 13.13 1.96
O4 SO4 D . -1.09 12.25 3.30
#